data_6UC5
#
_entry.id   6UC5
#
_cell.length_a   61.268
_cell.length_b   77.492
_cell.length_c   87.701
_cell.angle_alpha   90.00
_cell.angle_beta   90.00
_cell.angle_gamma   90.00
#
_symmetry.space_group_name_H-M   'P 21 21 21'
#
loop_
_entity.id
_entity.type
_entity.pdbx_description
1 polymer 'Fab397 heavy chain'
2 polymer 'Fab397 light chain'
3 polymer 'NPNA peptide'
4 water water
#
loop_
_entity_poly.entity_id
_entity_poly.type
_entity_poly.pdbx_seq_one_letter_code
_entity_poly.pdbx_strand_id
1 'polypeptide(L)'
;QLVKSGG(UNK)(UNK)(UNK)VKPGGSLRLSCAVSGFTFTDAWMSWVRQAPGKGPEWVGRIKSNPDGGTTDYAAPVRGR
FTISRDDSKNTLYLQMNNLKTEDTAVYYCITDRDFYRSGGSWGQGTLVTVVSRRLPPSVFPLAPSSKSTSGGTAALGCLV
KDYFPEPVTVSWNSGALTSGVHTFPAVLQSSGLYSLSSVVTVPSSSLGTQTYICNVNHKPSNTKVDKKVEPK
;
H
2 'polypeptide(L)'
;DIVMTQSPLSLPVTPGEPASISCRSRQSLLYSNGDNYLDWYLQKPGQSPQLLIYLGSNRAPGVPDRFSGSGSGTDFTLKI
SRVEAEDVGVYYCMQTLQTPHTFGQGTKLEIKRTVAAPSVFIFPPSDEQLKSGTASVVCLLNNFYPREAKVQWKVDNALQ
SGNSQESVTEQDSKDSTYSLSSTLTLSKADYEKHKVYACEVTHQGLSSPVTKSFNRGE
;
L
3 'polypeptide(L)' NPNANPNANPN P
#
# COMPACT_ATOMS: atom_id res chain seq x y z
N GLN A 1 13.23 3.37 -18.15
CA GLN A 1 14.01 2.67 -17.13
C GLN A 1 14.59 3.65 -16.13
N LEU A 2 14.15 3.55 -14.88
CA LEU A 2 14.62 4.42 -13.80
C LEU A 2 15.02 3.56 -12.61
N VAL A 3 16.06 3.99 -11.90
CA VAL A 3 16.54 3.30 -10.70
C VAL A 3 16.86 4.36 -9.66
N LYS A 4 16.05 4.41 -8.61
CA LYS A 4 16.22 5.41 -7.55
C LYS A 4 17.13 4.87 -6.46
N SER A 5 18.03 5.71 -5.98
CA SER A 5 19.02 5.30 -5.01
C SER A 5 19.24 6.40 -3.97
N GLY A 6 19.83 6.01 -2.85
CA GLY A 6 20.21 6.96 -1.83
C GLY A 6 19.11 7.31 -0.85
N GLY A 7 18.30 6.33 -0.45
CA GLY A 7 17.21 6.58 0.48
C GLY A 7 16.82 5.36 1.28
N VAL A 11 18.74 9.41 8.43
CA VAL A 11 17.59 10.17 7.93
C VAL A 11 16.78 10.65 9.13
N LYS A 12 17.02 11.88 9.57
CA LYS A 12 16.44 12.39 10.81
C LYS A 12 15.95 13.82 10.60
N PRO A 13 15.07 14.29 11.49
CA PRO A 13 14.60 15.68 11.38
C PRO A 13 15.77 16.65 11.43
N GLY A 14 15.76 17.63 10.52
CA GLY A 14 16.81 18.60 10.40
C GLY A 14 17.97 18.17 9.52
N GLY A 15 18.09 16.88 9.23
CA GLY A 15 19.20 16.36 8.46
C GLY A 15 18.96 16.48 6.96
N SER A 16 19.87 15.86 6.21
CA SER A 16 19.84 15.91 4.77
C SER A 16 19.93 14.51 4.18
N LEU A 17 19.46 14.39 2.93
CA LEU A 17 19.55 13.16 2.16
C LEU A 17 19.47 13.56 0.69
N ARG A 18 20.26 12.89 -0.14
CA ARG A 18 20.25 13.12 -1.58
C ARG A 18 19.71 11.86 -2.26
N LEU A 19 18.67 12.03 -3.06
CA LEU A 19 18.15 10.96 -3.91
C LEU A 19 18.72 11.11 -5.30
N SER A 20 19.13 9.99 -5.90
CA SER A 20 19.62 9.96 -7.27
C SER A 20 18.75 9.01 -8.08
N CYS A 21 18.43 9.41 -9.30
CA CYS A 21 17.55 8.66 -10.21
C CYS A 21 18.28 8.56 -11.54
N ALA A 22 19.01 7.46 -11.73
CA ALA A 22 19.75 7.23 -12.96
C ALA A 22 18.80 6.70 -14.04
N VAL A 23 18.78 7.36 -15.18
CA VAL A 23 17.79 7.10 -16.22
C VAL A 23 18.44 6.31 -17.35
N SER A 24 17.67 5.36 -17.89
CA SER A 24 18.07 4.62 -19.09
C SER A 24 16.81 4.36 -19.92
N GLY A 25 16.98 4.30 -21.23
CA GLY A 25 15.91 3.97 -22.14
C GLY A 25 15.47 5.10 -23.05
N PHE A 26 16.00 6.30 -22.88
CA PHE A 26 15.70 7.42 -23.78
C PHE A 26 16.79 8.46 -23.56
N THR A 27 16.74 9.53 -24.36
CA THR A 27 17.75 10.58 -24.27
C THR A 27 17.37 11.52 -23.12
N PHE A 28 18.02 11.32 -21.98
CA PHE A 28 17.73 12.09 -20.77
C PHE A 28 17.90 13.59 -21.00
N THR A 29 18.86 13.99 -21.84
CA THR A 29 19.18 15.41 -21.96
C THR A 29 17.98 16.23 -22.42
N ASP A 30 17.04 15.61 -23.14
CA ASP A 30 15.91 16.35 -23.70
C ASP A 30 14.62 16.14 -22.93
N ALA A 31 14.69 15.53 -21.74
CA ALA A 31 13.51 15.20 -20.96
C ALA A 31 13.37 16.16 -19.78
N TRP A 32 12.17 16.71 -19.61
CA TRP A 32 11.80 17.37 -18.37
C TRP A 32 11.52 16.30 -17.33
N MET A 33 11.94 16.54 -16.09
CA MET A 33 11.83 15.54 -15.04
C MET A 33 11.13 16.12 -13.83
N SER A 34 10.30 15.29 -13.20
CA SER A 34 9.62 15.63 -11.96
C SER A 34 9.95 14.63 -10.87
N TRP A 35 9.98 15.12 -9.63
CA TRP A 35 9.94 14.28 -8.45
C TRP A 35 8.51 14.28 -7.93
N VAL A 36 7.99 13.09 -7.62
CA VAL A 36 6.71 12.95 -6.94
C VAL A 36 6.93 12.04 -5.74
N ARG A 37 6.08 12.19 -4.73
CA ARG A 37 6.18 11.36 -3.54
C ARG A 37 4.79 10.92 -3.13
N GLN A 38 4.74 9.87 -2.32
CA GLN A 38 3.49 9.35 -1.79
C GLN A 38 3.72 8.90 -0.36
N ALA A 39 3.24 9.68 0.60
CA ALA A 39 3.28 9.28 2.00
C ALA A 39 2.35 8.09 2.22
N PRO A 40 2.68 7.21 3.18
CA PRO A 40 1.82 6.05 3.43
C PRO A 40 0.39 6.49 3.71
N GLY A 41 -0.56 5.84 3.04
CA GLY A 41 -1.96 6.08 3.28
C GLY A 41 -2.57 7.25 2.53
N LYS A 42 -1.78 8.01 1.79
CA LYS A 42 -2.28 9.17 1.08
C LYS A 42 -2.00 9.04 -0.41
N GLY A 43 -2.62 9.91 -1.19
CA GLY A 43 -2.38 9.97 -2.62
C GLY A 43 -1.06 10.65 -2.93
N PRO A 44 -0.65 10.55 -4.19
CA PRO A 44 0.64 11.13 -4.60
C PRO A 44 0.62 12.65 -4.46
N GLU A 45 1.83 13.21 -4.33
CA GLU A 45 2.04 14.65 -4.18
C GLU A 45 3.25 15.05 -5.00
N TRP A 46 3.07 16.02 -5.89
CA TRP A 46 4.16 16.55 -6.70
C TRP A 46 5.14 17.32 -5.83
N VAL A 47 6.42 17.07 -6.03
CA VAL A 47 7.47 17.68 -5.23
C VAL A 47 8.14 18.83 -5.98
N GLY A 48 8.53 18.59 -7.23
CA GLY A 48 9.17 19.62 -8.02
C GLY A 48 9.50 19.09 -9.40
N ARG A 49 9.98 20.00 -10.24
CA ARG A 49 10.29 19.69 -11.64
C ARG A 49 11.53 20.45 -12.06
N ILE A 50 12.22 19.89 -13.04
CA ILE A 50 13.37 20.57 -13.65
C ILE A 50 13.25 20.39 -15.17
N LYS A 51 13.28 21.51 -15.89
CA LYS A 51 13.24 21.45 -17.34
C LYS A 51 14.55 20.88 -17.88
N SER A 52 14.53 20.46 -19.14
CA SER A 52 15.76 20.11 -19.83
C SER A 52 16.65 21.35 -19.94
N ASN A 53 17.96 21.13 -19.89
CA ASN A 53 18.88 22.25 -20.01
C ASN A 53 18.71 22.99 -21.34
N PRO A 54 18.47 22.33 -22.48
CA PRO A 54 18.19 23.08 -23.71
C PRO A 54 16.96 23.98 -23.60
N ASP A 55 16.06 23.73 -22.66
CA ASP A 55 14.89 24.56 -22.45
C ASP A 55 15.07 25.52 -21.27
N GLY A 56 16.30 25.67 -20.77
CA GLY A 56 16.60 26.57 -19.68
C GLY A 56 16.96 25.88 -18.38
N GLY A 57 16.57 24.62 -18.21
CA GLY A 57 16.97 23.87 -17.04
C GLY A 57 16.50 24.46 -15.74
N THR A 58 15.42 25.23 -15.76
CA THR A 58 14.93 25.89 -14.55
C THR A 58 14.07 24.93 -13.73
N THR A 59 13.88 25.29 -12.46
CA THR A 59 13.21 24.43 -11.50
C THR A 59 11.96 25.11 -10.95
N ASP A 60 11.00 24.27 -10.54
CA ASP A 60 9.81 24.69 -9.83
C ASP A 60 9.58 23.72 -8.68
N TYR A 61 9.10 24.24 -7.54
CA TYR A 61 9.00 23.42 -6.34
C TYR A 61 7.62 23.55 -5.72
N ALA A 62 7.17 22.46 -5.10
CA ALA A 62 5.96 22.49 -4.29
C ALA A 62 6.20 23.36 -3.05
N ALA A 63 5.17 24.07 -2.62
CA ALA A 63 5.33 24.98 -1.50
C ALA A 63 5.89 24.32 -0.25
N PRO A 64 5.45 23.11 0.14
CA PRO A 64 5.96 22.52 1.40
C PRO A 64 7.45 22.22 1.39
N VAL A 65 8.10 22.21 0.22
CA VAL A 65 9.53 21.91 0.15
C VAL A 65 10.35 23.08 -0.35
N ARG A 66 9.73 24.16 -0.84
CA ARG A 66 10.49 25.30 -1.34
C ARG A 66 11.44 25.81 -0.27
N GLY A 67 12.69 26.06 -0.67
CA GLY A 67 13.70 26.53 0.25
C GLY A 67 14.44 25.46 1.00
N ARG A 68 13.93 24.23 1.01
CA ARG A 68 14.60 23.11 1.66
C ARG A 68 15.13 22.08 0.68
N PHE A 69 14.40 21.81 -0.41
CA PHE A 69 14.82 20.83 -1.40
C PHE A 69 15.38 21.55 -2.63
N THR A 70 16.34 20.90 -3.28
CA THR A 70 16.93 21.40 -4.52
C THR A 70 17.00 20.28 -5.53
N ILE A 71 16.46 20.52 -6.72
CA ILE A 71 16.49 19.55 -7.82
C ILE A 71 17.58 19.97 -8.79
N SER A 72 18.35 18.98 -9.27
CA SER A 72 19.38 19.25 -10.26
C SER A 72 19.55 18.01 -11.12
N ARG A 73 20.33 18.16 -12.18
CA ARG A 73 20.57 17.07 -13.12
C ARG A 73 22.01 17.10 -13.60
N ASP A 74 22.55 15.91 -13.83
CA ASP A 74 23.86 15.72 -14.45
C ASP A 74 23.60 14.94 -15.75
N ASP A 75 23.42 15.68 -16.85
CA ASP A 75 23.19 15.03 -18.13
C ASP A 75 24.34 14.14 -18.55
N SER A 76 25.53 14.35 -17.97
CA SER A 76 26.65 13.46 -18.24
C SER A 76 26.37 12.05 -17.76
N LYS A 77 25.65 11.91 -16.65
CA LYS A 77 25.38 10.60 -16.05
C LYS A 77 23.93 10.18 -16.25
N ASN A 78 23.15 10.91 -17.02
CA ASN A 78 21.73 10.63 -17.21
C ASN A 78 21.02 10.52 -15.87
N THR A 79 21.42 11.37 -14.93
CA THR A 79 21.00 11.24 -13.55
C THR A 79 20.27 12.50 -13.08
N LEU A 80 19.14 12.30 -12.42
CA LEU A 80 18.38 13.35 -11.75
C LEU A 80 18.63 13.26 -10.26
N TYR A 81 18.74 14.41 -9.61
CA TYR A 81 19.00 14.46 -8.18
C TYR A 81 17.90 15.24 -7.46
N LEU A 82 17.64 14.83 -6.22
CA LEU A 82 16.84 15.60 -5.28
C LEU A 82 17.67 15.75 -4.00
N GLN A 83 18.15 16.95 -3.73
CA GLN A 83 18.84 17.24 -2.48
C GLN A 83 17.80 17.69 -1.45
N MET A 84 17.59 16.87 -0.43
CA MET A 84 16.66 17.18 0.65
C MET A 84 17.44 17.69 1.85
N ASN A 85 17.15 18.91 2.27
CA ASN A 85 17.77 19.52 3.43
C ASN A 85 16.69 19.84 4.46
N ASN A 86 17.13 20.03 5.71
CA ASN A 86 16.25 20.38 6.81
C ASN A 86 14.99 19.50 6.81
N LEU A 87 15.22 18.19 6.82
CA LEU A 87 14.13 17.25 6.69
C LEU A 87 13.12 17.41 7.82
N LYS A 88 11.85 17.15 7.50
CA LYS A 88 10.77 17.11 8.47
C LYS A 88 10.19 15.71 8.48
N THR A 89 9.53 15.35 9.58
CA THR A 89 8.90 14.04 9.67
C THR A 89 7.85 13.88 8.58
N GLU A 90 7.16 14.97 8.23
CA GLU A 90 6.15 14.90 7.18
C GLU A 90 6.74 14.65 5.81
N ASP A 91 8.06 14.68 5.66
CA ASP A 91 8.68 14.34 4.40
C ASP A 91 8.73 12.83 4.16
N THR A 92 8.44 12.02 5.17
CA THR A 92 8.46 10.57 5.02
C THR A 92 7.51 10.15 3.90
N ALA A 93 8.03 9.39 2.94
CA ALA A 93 7.23 8.95 1.81
C ALA A 93 8.10 8.12 0.86
N VAL A 94 7.42 7.50 -0.11
CA VAL A 94 8.08 6.87 -1.24
C VAL A 94 8.24 7.92 -2.32
N TYR A 95 9.47 8.12 -2.79
CA TYR A 95 9.76 9.13 -3.80
C TYR A 95 9.98 8.48 -5.16
N TYR A 96 9.44 9.12 -6.19
CA TYR A 96 9.57 8.66 -7.57
C TYR A 96 10.09 9.79 -8.44
N CYS A 97 10.85 9.42 -9.47
CA CYS A 97 11.25 10.35 -10.53
C CYS A 97 10.47 9.97 -11.79
N ILE A 98 9.86 10.96 -12.44
CA ILE A 98 9.01 10.71 -13.59
C ILE A 98 9.31 11.73 -14.69
N THR A 99 8.80 11.45 -15.88
CA THR A 99 8.88 12.34 -17.02
C THR A 99 7.56 12.26 -17.78
N ASP A 100 7.44 13.03 -18.86
CA ASP A 100 6.19 13.09 -19.61
C ASP A 100 6.42 12.37 -20.94
N ARG A 101 6.96 13.04 -21.96
CA ARG A 101 6.88 12.50 -23.33
C ARG A 101 7.45 11.09 -23.43
N ASP A 102 8.64 10.88 -22.88
CA ASP A 102 9.28 9.57 -23.00
C ASP A 102 8.52 8.52 -22.21
N PHE A 103 7.84 8.92 -21.13
CA PHE A 103 7.02 7.99 -20.34
C PHE A 103 5.71 7.67 -21.06
N TYR A 104 5.06 8.69 -21.62
CA TYR A 104 3.86 8.43 -22.42
C TYR A 104 4.17 7.48 -23.57
N ARG A 105 5.36 7.61 -24.16
CA ARG A 105 5.71 6.77 -25.30
C ARG A 105 5.94 5.33 -24.89
N SER A 106 6.58 5.11 -23.75
CA SER A 106 6.91 3.77 -23.31
C SER A 106 5.80 3.13 -22.50
N GLY A 107 5.02 3.92 -21.78
CA GLY A 107 4.04 3.37 -20.88
C GLY A 107 4.70 2.76 -19.65
N GLY A 108 3.85 2.15 -18.83
CA GLY A 108 4.35 1.47 -17.66
C GLY A 108 4.01 2.17 -16.36
N SER A 109 4.81 1.92 -15.32
CA SER A 109 4.60 2.49 -13.99
C SER A 109 5.71 3.49 -13.69
N TRP A 110 5.60 4.13 -12.53
CA TRP A 110 6.66 5.01 -12.05
C TRP A 110 7.88 4.25 -11.55
N GLY A 111 7.85 2.92 -11.57
CA GLY A 111 8.95 2.14 -11.04
C GLY A 111 8.78 1.83 -9.58
N GLN A 112 9.87 1.35 -8.98
CA GLN A 112 9.82 0.90 -7.59
C GLN A 112 9.78 2.07 -6.62
N GLY A 113 10.48 3.15 -6.94
CA GLY A 113 10.58 4.28 -6.02
C GLY A 113 11.45 3.94 -4.83
N THR A 114 11.81 4.94 -4.02
CA THR A 114 12.63 4.73 -2.85
C THR A 114 11.94 5.30 -1.63
N LEU A 115 11.88 4.50 -0.56
CA LEU A 115 11.25 4.93 0.67
C LEU A 115 12.21 5.78 1.50
N VAL A 116 11.76 6.97 1.88
CA VAL A 116 12.49 7.85 2.78
C VAL A 116 11.71 7.91 4.08
N THR A 117 12.31 7.41 5.16
CA THR A 117 11.70 7.42 6.48
C THR A 117 12.51 8.34 7.38
N VAL A 118 11.90 9.45 7.80
CA VAL A 118 12.53 10.41 8.70
C VAL A 118 12.28 9.93 10.12
N VAL A 119 13.34 9.57 10.83
CA VAL A 119 13.25 8.85 12.10
C VAL A 119 13.79 9.73 13.23
N SER A 120 13.05 9.74 14.34
CA SER A 120 13.47 10.42 15.56
C SER A 120 13.23 9.61 16.83
N ARG A 121 12.18 8.79 16.90
CA ARG A 121 11.90 7.89 18.02
C ARG A 121 11.92 6.47 17.49
N ARG A 122 12.47 5.55 18.28
CA ARG A 122 12.66 4.18 17.81
C ARG A 122 12.32 3.19 18.90
N LEU A 123 11.79 2.04 18.47
CA LEU A 123 11.63 0.85 19.30
C LEU A 123 11.58 -0.36 18.38
N PRO A 124 12.54 -1.29 18.49
CA PRO A 124 12.50 -2.48 17.62
C PRO A 124 11.39 -3.44 18.07
N PRO A 125 10.90 -4.27 17.15
CA PRO A 125 9.71 -5.07 17.48
C PRO A 125 10.03 -6.31 18.30
N SER A 126 9.02 -6.73 19.06
CA SER A 126 8.95 -8.10 19.56
C SER A 126 8.33 -8.98 18.48
N VAL A 127 8.82 -10.20 18.36
CA VAL A 127 8.35 -11.14 17.35
C VAL A 127 7.96 -12.44 18.04
N PHE A 128 6.69 -12.80 17.94
CA PHE A 128 6.18 -14.02 18.54
C PHE A 128 5.56 -14.92 17.48
N PRO A 129 5.68 -16.24 17.61
CA PRO A 129 5.09 -17.13 16.61
C PRO A 129 3.57 -17.22 16.75
N LEU A 130 2.91 -17.32 15.61
CA LEU A 130 1.49 -17.69 15.53
C LEU A 130 1.51 -19.15 15.05
N ALA A 131 1.52 -20.09 16.01
CA ALA A 131 1.82 -21.48 15.69
C ALA A 131 0.61 -22.17 15.05
N PRO A 132 0.83 -22.99 14.02
CA PRO A 132 -0.28 -23.76 13.46
C PRO A 132 -0.74 -24.85 14.42
N SER A 133 -2.04 -25.07 14.46
CA SER A 133 -2.63 -26.10 15.29
C SER A 133 -3.95 -26.52 14.67
N SER A 134 -4.67 -27.40 15.38
CA SER A 134 -6.00 -27.78 14.90
C SER A 134 -6.93 -26.59 14.86
N LYS A 135 -6.67 -25.57 15.68
CA LYS A 135 -7.49 -24.37 15.71
C LYS A 135 -7.21 -23.42 14.55
N SER A 136 -6.14 -23.64 13.79
CA SER A 136 -5.84 -22.85 12.60
C SER A 136 -5.73 -23.74 11.37
N THR A 137 -6.42 -24.87 11.38
CA THR A 137 -6.46 -25.80 10.25
C THR A 137 -7.88 -25.90 9.74
N SER A 138 -8.03 -26.05 8.42
CA SER A 138 -9.34 -26.23 7.80
C SER A 138 -9.14 -26.77 6.39
N GLY A 139 -9.86 -27.83 6.06
CA GLY A 139 -9.81 -28.38 4.72
C GLY A 139 -8.43 -28.73 4.23
N GLY A 140 -7.58 -29.22 5.12
CA GLY A 140 -6.25 -29.65 4.73
C GLY A 140 -5.22 -28.55 4.66
N THR A 141 -5.60 -27.30 4.95
CA THR A 141 -4.67 -26.19 4.97
C THR A 141 -4.51 -25.69 6.40
N ALA A 142 -3.29 -25.32 6.75
CA ALA A 142 -2.96 -24.76 8.05
C ALA A 142 -2.51 -23.31 7.88
N ALA A 143 -3.01 -22.43 8.76
CA ALA A 143 -2.56 -21.06 8.83
C ALA A 143 -1.51 -20.95 9.94
N LEU A 144 -0.44 -20.22 9.65
CA LEU A 144 0.60 -19.92 10.63
C LEU A 144 1.06 -18.49 10.39
N GLY A 145 1.85 -17.96 11.31
CA GLY A 145 2.32 -16.61 11.11
C GLY A 145 3.25 -16.14 12.21
N CYS A 146 3.50 -14.83 12.21
CA CYS A 146 4.29 -14.16 13.22
C CYS A 146 3.59 -12.88 13.63
N LEU A 147 3.55 -12.62 14.94
CA LEU A 147 3.04 -11.37 15.49
C LEU A 147 4.21 -10.44 15.75
N VAL A 148 4.18 -9.26 15.16
CA VAL A 148 5.24 -8.27 15.26
C VAL A 148 4.68 -7.12 16.07
N LYS A 149 4.99 -7.10 17.37
CA LYS A 149 4.28 -6.26 18.33
C LYS A 149 5.22 -5.26 18.98
N ASP A 150 4.70 -4.04 19.17
CA ASP A 150 5.38 -2.99 19.91
C ASP A 150 6.63 -2.52 19.19
N TYR A 151 6.47 -1.78 18.10
CA TYR A 151 7.60 -1.17 17.41
C TYR A 151 7.24 0.26 17.03
N PHE A 152 8.27 1.03 16.68
CA PHE A 152 8.09 2.42 16.28
C PHE A 152 9.36 2.88 15.59
N PRO A 153 9.27 3.65 14.49
CA PRO A 153 8.06 4.00 13.73
C PRO A 153 7.74 2.90 12.73
N GLU A 154 6.76 3.11 11.87
CA GLU A 154 6.60 2.24 10.71
C GLU A 154 7.76 2.50 9.74
N PRO A 155 8.08 1.52 8.88
CA PRO A 155 7.45 0.22 8.76
C PRO A 155 8.33 -0.95 9.21
N VAL A 156 7.69 -2.09 9.46
CA VAL A 156 8.38 -3.37 9.49
C VAL A 156 8.12 -4.05 8.15
N THR A 157 9.13 -4.73 7.62
CA THR A 157 8.97 -5.58 6.45
C THR A 157 9.08 -7.03 6.90
N VAL A 158 8.16 -7.87 6.42
CA VAL A 158 8.15 -9.28 6.79
C VAL A 158 8.25 -10.11 5.51
N SER A 159 9.27 -10.96 5.45
CA SER A 159 9.40 -11.99 4.43
C SER A 159 9.36 -13.35 5.10
N TRP A 160 9.17 -14.39 4.29
CA TRP A 160 9.10 -15.76 4.77
C TRP A 160 10.13 -16.59 4.04
N ASN A 161 10.90 -17.38 4.80
CA ASN A 161 11.97 -18.20 4.27
C ASN A 161 12.86 -17.38 3.33
N SER A 162 13.23 -16.18 3.80
CA SER A 162 14.18 -15.32 3.12
C SER A 162 13.70 -14.93 1.74
N GLY A 163 12.38 -14.84 1.56
CA GLY A 163 11.80 -14.47 0.29
C GLY A 163 11.44 -15.64 -0.61
N ALA A 164 11.81 -16.87 -0.23
CA ALA A 164 11.47 -18.03 -1.05
C ALA A 164 10.00 -18.39 -0.95
N LEU A 165 9.31 -17.97 0.11
CA LEU A 165 7.90 -18.23 0.31
C LEU A 165 7.14 -16.92 0.20
N THR A 166 6.34 -16.79 -0.85
CA THR A 166 5.50 -15.64 -1.07
C THR A 166 4.03 -15.96 -1.24
N SER A 167 3.71 -17.15 -1.77
CA SER A 167 2.32 -17.51 -2.02
C SER A 167 1.56 -17.68 -0.71
N GLY A 168 0.34 -17.14 -0.70
CA GLY A 168 -0.53 -17.27 0.44
C GLY A 168 -0.19 -16.41 1.62
N VAL A 169 0.66 -15.40 1.44
CA VAL A 169 1.09 -14.55 2.54
C VAL A 169 0.19 -13.33 2.61
N HIS A 170 -0.27 -13.02 3.82
CA HIS A 170 -0.97 -11.76 4.11
C HIS A 170 -0.24 -11.09 5.26
N THR A 171 0.34 -9.92 5.01
CA THR A 171 0.93 -9.09 6.05
C THR A 171 0.01 -7.90 6.26
N PHE A 172 -0.61 -7.85 7.44
CA PHE A 172 -1.69 -6.90 7.67
C PHE A 172 -1.15 -5.49 7.87
N PRO A 173 -1.93 -4.48 7.50
CA PRO A 173 -1.57 -3.11 7.87
C PRO A 173 -1.41 -3.01 9.38
N ALA A 174 -0.47 -2.18 9.81
CA ALA A 174 -0.22 -2.03 11.23
C ALA A 174 -1.39 -1.34 11.92
N VAL A 175 -1.61 -1.67 13.18
CA VAL A 175 -2.53 -0.93 14.04
C VAL A 175 -1.71 -0.09 14.99
N LEU A 176 -2.32 0.98 15.49
CA LEU A 176 -1.74 1.82 16.54
C LEU A 176 -2.31 1.38 17.88
N GLN A 177 -1.46 0.83 18.74
CA GLN A 177 -1.91 0.36 20.05
C GLN A 177 -2.10 1.55 20.98
N SER A 178 -2.82 1.30 22.09
CA SER A 178 -3.09 2.36 23.05
C SER A 178 -1.79 3.00 23.54
N SER A 179 -0.71 2.23 23.58
CA SER A 179 0.58 2.74 24.04
C SER A 179 1.21 3.71 23.06
N GLY A 180 0.64 3.89 21.87
CA GLY A 180 1.30 4.64 20.83
C GLY A 180 2.30 3.86 20.01
N LEU A 181 2.40 2.55 20.24
CA LEU A 181 3.31 1.69 19.50
C LEU A 181 2.52 0.87 18.49
N TYR A 182 3.21 0.47 17.42
CA TYR A 182 2.57 -0.25 16.34
C TYR A 182 2.64 -1.76 16.54
N SER A 183 1.74 -2.45 15.85
CA SER A 183 1.69 -3.91 15.89
C SER A 183 1.07 -4.41 14.59
N LEU A 184 1.56 -5.54 14.09
CA LEU A 184 0.92 -6.22 12.98
C LEU A 184 1.22 -7.70 13.07
N SER A 185 0.50 -8.48 12.26
CA SER A 185 0.77 -9.89 12.06
C SER A 185 0.99 -10.16 10.58
N SER A 186 1.87 -11.11 10.28
CA SER A 186 2.01 -11.69 8.96
C SER A 186 1.63 -13.16 9.05
N VAL A 187 0.74 -13.60 8.17
CA VAL A 187 0.26 -14.98 8.21
C VAL A 187 0.40 -15.59 6.82
N VAL A 188 0.43 -16.92 6.79
CA VAL A 188 0.51 -17.66 5.54
C VAL A 188 -0.23 -18.98 5.70
N THR A 189 -0.83 -19.44 4.61
CA THR A 189 -1.56 -20.70 4.57
C THR A 189 -0.73 -21.72 3.79
N VAL A 190 -0.55 -22.89 4.38
CA VAL A 190 0.30 -23.93 3.79
C VAL A 190 -0.44 -25.27 3.91
N PRO A 191 0.04 -26.33 3.25
CA PRO A 191 -0.55 -27.65 3.48
C PRO A 191 -0.36 -28.08 4.94
N SER A 192 -1.43 -28.58 5.55
CA SER A 192 -1.28 -29.20 6.87
C SER A 192 -0.31 -30.37 6.81
N SER A 193 -0.27 -31.07 5.67
CA SER A 193 0.65 -32.19 5.51
C SER A 193 2.11 -31.78 5.50
N SER A 194 2.39 -30.47 5.43
CA SER A 194 3.76 -29.98 5.29
C SER A 194 4.41 -29.61 6.60
N LEU A 195 3.65 -29.55 7.69
CA LEU A 195 4.16 -28.94 8.93
C LEU A 195 5.32 -29.73 9.54
N GLY A 196 5.43 -31.02 9.25
CA GLY A 196 6.50 -31.82 9.81
C GLY A 196 7.77 -31.88 9.00
N THR A 197 7.76 -31.37 7.78
CA THR A 197 8.91 -31.54 6.91
C THR A 197 9.41 -30.22 6.32
N GLN A 198 8.52 -29.27 6.13
CA GLN A 198 8.90 -27.94 5.67
C GLN A 198 9.16 -27.04 6.85
N THR A 199 10.12 -26.13 6.69
CA THR A 199 10.47 -25.15 7.71
C THR A 199 9.91 -23.79 7.31
N TYR A 200 9.32 -23.10 8.29
CA TYR A 200 8.69 -21.81 8.07
C TYR A 200 9.31 -20.80 9.03
N ILE A 201 10.05 -19.85 8.47
CA ILE A 201 10.73 -18.81 9.22
C ILE A 201 10.25 -17.48 8.70
N CYS A 202 9.76 -16.63 9.60
CA CYS A 202 9.45 -15.26 9.26
C CYS A 202 10.67 -14.39 9.52
N ASN A 203 11.04 -13.60 8.52
CA ASN A 203 12.15 -12.66 8.62
C ASN A 203 11.57 -11.26 8.79
N VAL A 204 11.84 -10.64 9.93
CA VAL A 204 11.25 -9.37 10.32
C VAL A 204 12.35 -8.34 10.32
N ASN A 205 12.27 -7.35 9.42
CA ASN A 205 13.25 -6.28 9.32
C ASN A 205 12.61 -4.97 9.72
N HIS A 206 13.23 -4.26 10.66
CA HIS A 206 12.81 -2.94 11.10
C HIS A 206 13.97 -2.00 10.83
N LYS A 207 14.06 -1.51 9.60
CA LYS A 207 15.17 -0.66 9.22
C LYS A 207 15.31 0.57 10.11
N PRO A 208 14.22 1.24 10.52
CA PRO A 208 14.39 2.42 11.38
C PRO A 208 15.25 2.19 12.62
N SER A 209 15.22 0.98 13.18
CA SER A 209 16.07 0.64 14.32
C SER A 209 17.22 -0.27 13.92
N ASN A 210 17.35 -0.58 12.63
CA ASN A 210 18.42 -1.44 12.13
C ASN A 210 18.45 -2.79 12.84
N THR A 211 17.27 -3.38 13.01
CA THR A 211 17.12 -4.67 13.66
C THR A 211 16.45 -5.64 12.71
N LYS A 212 16.99 -6.86 12.66
CA LYS A 212 16.43 -7.96 11.89
C LYS A 212 16.25 -9.15 12.83
N VAL A 213 15.09 -9.80 12.76
CA VAL A 213 14.79 -10.96 13.59
C VAL A 213 14.26 -12.07 12.71
N ASP A 214 14.81 -13.26 12.85
CA ASP A 214 14.28 -14.48 12.24
C ASP A 214 13.70 -15.35 13.34
N LYS A 215 12.47 -15.83 13.13
CA LYS A 215 11.84 -16.75 14.07
C LYS A 215 11.26 -17.94 13.32
N LYS A 216 11.73 -19.13 13.65
CA LYS A 216 11.11 -20.35 13.13
C LYS A 216 9.78 -20.58 13.84
N VAL A 217 8.72 -20.81 13.07
CA VAL A 217 7.39 -21.04 13.60
C VAL A 217 7.19 -22.55 13.69
N GLU A 218 7.05 -23.06 14.92
CA GLU A 218 6.94 -24.50 15.12
C GLU A 218 5.48 -24.88 15.34
N PRO A 219 5.06 -26.04 14.83
CA PRO A 219 3.66 -26.44 15.00
C PRO A 219 3.38 -26.90 16.42
N LYS A 220 2.10 -27.02 16.74
CA LYS A 220 1.65 -27.64 17.98
C LYS A 220 1.41 -29.12 17.74
N ASP B 1 -3.44 26.96 -6.57
CA ASP B 1 -3.26 25.62 -7.20
C ASP B 1 -4.52 25.22 -7.97
N ILE B 2 -4.37 24.25 -8.86
CA ILE B 2 -5.51 23.68 -9.58
C ILE B 2 -6.02 22.49 -8.78
N VAL B 3 -7.21 22.65 -8.20
CA VAL B 3 -7.83 21.56 -7.46
C VAL B 3 -8.48 20.59 -8.44
N MET B 4 -8.17 19.30 -8.28
CA MET B 4 -8.79 18.24 -9.06
C MET B 4 -9.77 17.49 -8.17
N THR B 5 -11.00 17.32 -8.64
CA THR B 5 -12.03 16.61 -7.91
C THR B 5 -12.45 15.37 -8.68
N GLN B 6 -12.39 14.21 -8.02
CA GLN B 6 -12.76 12.94 -8.61
C GLN B 6 -14.09 12.46 -8.03
N SER B 7 -14.90 11.82 -8.88
CA SER B 7 -16.19 11.29 -8.48
C SER B 7 -16.41 9.97 -9.21
N PRO B 8 -16.83 8.90 -8.51
CA PRO B 8 -17.04 8.83 -7.06
C PRO B 8 -15.76 8.49 -6.29
N LEU B 9 -15.79 8.64 -4.96
CA LEU B 9 -14.64 8.23 -4.15
C LEU B 9 -14.54 6.72 -4.08
N SER B 10 -15.68 6.03 -4.00
CA SER B 10 -15.73 4.57 -3.95
C SER B 10 -16.61 4.09 -5.08
N LEU B 11 -16.14 3.07 -5.80
CA LEU B 11 -16.84 2.54 -6.97
C LEU B 11 -16.89 1.03 -6.93
N PRO B 12 -17.94 0.45 -6.34
CA PRO B 12 -18.14 -1.00 -6.42
C PRO B 12 -18.74 -1.37 -7.78
N VAL B 13 -18.15 -2.36 -8.43
CA VAL B 13 -18.56 -2.77 -9.77
C VAL B 13 -18.53 -4.29 -9.87
N THR B 14 -19.59 -4.86 -10.44
CA THR B 14 -19.61 -6.29 -10.69
C THR B 14 -18.71 -6.63 -11.87
N PRO B 15 -17.97 -7.74 -11.81
CA PRO B 15 -17.15 -8.14 -12.96
C PRO B 15 -17.97 -8.17 -14.24
N GLY B 16 -17.36 -7.70 -15.32
CA GLY B 16 -18.02 -7.63 -16.60
C GLY B 16 -18.84 -6.37 -16.83
N GLU B 17 -19.14 -5.61 -15.79
CA GLU B 17 -19.95 -4.42 -15.91
C GLU B 17 -19.09 -3.20 -16.20
N PRO B 18 -19.69 -2.13 -16.71
CA PRO B 18 -18.93 -0.93 -17.04
C PRO B 18 -18.73 -0.01 -15.85
N ALA B 19 -17.60 0.69 -15.86
CA ALA B 19 -17.26 1.64 -14.81
C ALA B 19 -16.83 2.96 -15.45
N SER B 20 -17.25 4.06 -14.84
CA SER B 20 -16.91 5.40 -15.31
C SER B 20 -16.46 6.23 -14.12
N ILE B 21 -15.33 6.91 -14.27
CA ILE B 21 -14.78 7.78 -13.23
C ILE B 21 -14.62 9.18 -13.81
N SER B 22 -15.00 10.18 -13.02
CA SER B 22 -14.96 11.58 -13.43
C SER B 22 -13.84 12.31 -12.68
N CYS B 23 -13.07 13.15 -13.38
CA CYS B 23 -12.14 14.08 -12.73
C CYS B 23 -12.45 15.48 -13.30
N ARG B 24 -12.71 16.43 -12.40
CA ARG B 24 -13.08 17.80 -12.76
C ARG B 24 -12.05 18.76 -12.20
N SER B 25 -11.62 19.70 -13.04
CA SER B 25 -10.64 20.70 -12.67
C SER B 25 -11.29 22.07 -12.55
N ARG B 26 -10.73 22.89 -11.66
CA ARG B 26 -11.19 24.27 -11.55
C ARG B 26 -10.69 25.13 -12.70
N GLN B 27 -9.56 24.75 -13.31
CA GLN B 27 -8.99 25.46 -14.44
C GLN B 27 -8.97 24.54 -15.65
N SER B 28 -9.30 25.08 -16.82
CA SER B 28 -9.20 24.31 -18.06
C SER B 28 -7.79 23.77 -18.22
N LEU B 29 -7.70 22.50 -18.57
CA LEU B 29 -6.42 21.85 -18.86
C LEU B 29 -6.13 21.81 -20.35
N LEU B 30 -6.91 22.54 -21.15
CA LEU B 30 -6.67 22.63 -22.59
C LEU B 30 -5.50 23.57 -22.85
N TYR B 31 -4.45 23.05 -23.48
CA TYR B 31 -3.27 23.82 -23.83
C TYR B 31 -3.43 24.43 -25.23
N SER B 32 -2.55 25.38 -25.54
CA SER B 32 -2.68 26.15 -26.76
C SER B 32 -2.50 25.33 -28.03
N ASN B 33 -2.05 24.07 -27.92
CA ASN B 33 -1.87 23.23 -29.09
C ASN B 33 -2.98 22.20 -29.24
N GLY B 34 -4.05 22.31 -28.44
CA GLY B 34 -5.18 21.42 -28.54
C GLY B 34 -5.16 20.24 -27.61
N ASP B 35 -4.02 19.94 -26.99
CA ASP B 35 -3.94 18.83 -26.05
C ASP B 35 -4.45 19.25 -24.68
N ASN B 36 -5.09 18.31 -23.99
CA ASN B 36 -5.50 18.47 -22.60
C ASN B 36 -4.47 17.80 -21.71
N TYR B 37 -3.96 18.54 -20.73
CA TYR B 37 -2.83 18.05 -19.92
C TYR B 37 -3.35 17.34 -18.68
N LEU B 38 -3.93 16.18 -18.92
CA LEU B 38 -4.46 15.34 -17.86
C LEU B 38 -4.10 13.88 -18.14
N ASP B 39 -3.58 13.21 -17.12
CA ASP B 39 -3.22 11.81 -17.20
C ASP B 39 -4.07 11.00 -16.21
N TRP B 40 -4.29 9.74 -16.53
CA TRP B 40 -5.02 8.82 -15.67
C TRP B 40 -4.10 7.69 -15.22
N TYR B 41 -4.15 7.39 -13.93
CA TYR B 41 -3.30 6.36 -13.35
C TYR B 41 -4.13 5.33 -12.61
N LEU B 42 -3.61 4.10 -12.53
CA LEU B 42 -4.13 3.07 -11.65
C LEU B 42 -3.03 2.65 -10.70
N GLN B 43 -3.31 2.68 -9.40
CA GLN B 43 -2.39 2.16 -8.39
C GLN B 43 -3.00 0.88 -7.84
N LYS B 44 -2.48 -0.27 -8.28
CA LYS B 44 -2.91 -1.54 -7.73
C LYS B 44 -2.34 -1.70 -6.32
N PRO B 45 -3.00 -2.51 -5.48
CA PRO B 45 -2.54 -2.66 -4.10
C PRO B 45 -1.06 -3.01 -4.03
N GLY B 46 -0.32 -2.22 -3.25
CA GLY B 46 1.09 -2.50 -3.01
C GLY B 46 2.02 -2.17 -4.16
N GLN B 47 1.52 -1.57 -5.23
CA GLN B 47 2.33 -1.29 -6.40
C GLN B 47 2.39 0.21 -6.65
N SER B 48 3.34 0.62 -7.48
CA SER B 48 3.46 2.01 -7.88
C SER B 48 2.46 2.33 -8.99
N PRO B 49 2.08 3.59 -9.13
CA PRO B 49 1.03 3.94 -10.10
C PRO B 49 1.41 3.55 -11.52
N GLN B 50 0.42 3.09 -12.27
CA GLN B 50 0.59 2.68 -13.66
C GLN B 50 -0.17 3.64 -14.57
N LEU B 51 0.50 4.11 -15.61
CA LEU B 51 -0.13 5.05 -16.54
C LEU B 51 -1.14 4.33 -17.41
N LEU B 52 -2.37 4.85 -17.42
CA LEU B 52 -3.44 4.32 -18.26
C LEU B 52 -3.70 5.19 -19.48
N ILE B 53 -3.90 6.49 -19.27
CA ILE B 53 -4.25 7.44 -20.31
C ILE B 53 -3.36 8.65 -20.13
N TYR B 54 -2.82 9.18 -21.23
CA TYR B 54 -2.02 10.39 -21.17
C TYR B 54 -2.61 11.47 -22.07
N LEU B 55 -2.48 12.72 -21.61
CA LEU B 55 -2.94 13.90 -22.34
C LEU B 55 -4.38 13.72 -22.83
N GLY B 56 -5.25 13.36 -21.88
CA GLY B 56 -6.68 13.38 -22.13
C GLY B 56 -7.25 12.08 -22.64
N SER B 57 -6.82 11.64 -23.83
CA SER B 57 -7.48 10.53 -24.49
C SER B 57 -6.54 9.52 -25.14
N ASN B 58 -5.23 9.62 -24.91
CA ASN B 58 -4.27 8.70 -25.50
C ASN B 58 -4.09 7.51 -24.58
N ARG B 59 -4.52 6.34 -25.02
CA ARG B 59 -4.28 5.11 -24.26
C ARG B 59 -2.79 4.79 -24.29
N ALA B 60 -2.19 4.61 -23.11
CA ALA B 60 -0.78 4.32 -23.02
C ALA B 60 -0.50 2.89 -23.49
N PRO B 61 0.71 2.62 -23.97
CA PRO B 61 1.05 1.24 -24.37
C PRO B 61 0.94 0.28 -23.20
N GLY B 62 0.56 -0.96 -23.53
CA GLY B 62 0.38 -1.99 -22.53
C GLY B 62 -0.95 -1.99 -21.83
N VAL B 63 -1.81 -1.00 -22.10
CA VAL B 63 -3.11 -0.90 -21.45
C VAL B 63 -4.14 -1.58 -22.34
N PRO B 64 -4.98 -2.47 -21.81
CA PRO B 64 -6.01 -3.11 -22.65
C PRO B 64 -6.99 -2.09 -23.20
N ASP B 65 -7.57 -2.41 -24.36
CA ASP B 65 -8.51 -1.49 -25.00
C ASP B 65 -9.76 -1.28 -24.16
N ARG B 66 -9.96 -2.04 -23.09
CA ARG B 66 -11.09 -1.81 -22.21
C ARG B 66 -11.05 -0.42 -21.59
N PHE B 67 -9.88 0.21 -21.53
CA PHE B 67 -9.72 1.53 -20.95
C PHE B 67 -9.72 2.59 -22.04
N SER B 68 -10.40 3.70 -21.77
CA SER B 68 -10.44 4.82 -22.70
C SER B 68 -10.69 6.09 -21.90
N GLY B 69 -10.13 7.19 -22.38
CA GLY B 69 -10.27 8.48 -21.73
C GLY B 69 -10.92 9.49 -22.65
N SER B 70 -11.84 10.27 -22.09
CA SER B 70 -12.59 11.27 -22.85
C SER B 70 -12.60 12.58 -22.07
N GLY B 71 -13.02 13.63 -22.74
CA GLY B 71 -13.23 14.93 -22.12
C GLY B 71 -12.29 15.99 -22.66
N SER B 72 -12.55 17.22 -22.22
CA SER B 72 -11.74 18.36 -22.61
C SER B 72 -12.01 19.50 -21.64
N GLY B 73 -11.03 20.38 -21.51
CA GLY B 73 -11.18 21.56 -20.68
C GLY B 73 -11.16 21.27 -19.20
N THR B 74 -12.34 21.18 -18.59
CA THR B 74 -12.45 21.04 -17.15
C THR B 74 -13.04 19.72 -16.69
N ASP B 75 -13.61 18.92 -17.60
CA ASP B 75 -14.31 17.70 -17.22
C ASP B 75 -13.79 16.53 -18.04
N PHE B 76 -13.37 15.47 -17.36
CA PHE B 76 -12.75 14.32 -17.99
C PHE B 76 -13.31 13.04 -17.40
N THR B 77 -13.31 11.98 -18.20
CA THR B 77 -13.89 10.71 -17.81
C THR B 77 -13.00 9.55 -18.23
N LEU B 78 -12.67 8.70 -17.27
CA LEU B 78 -12.04 7.41 -17.54
C LEU B 78 -13.14 6.36 -17.61
N LYS B 79 -13.16 5.59 -18.69
CA LYS B 79 -14.17 4.56 -18.90
C LYS B 79 -13.51 3.20 -18.96
N ILE B 80 -14.09 2.23 -18.27
CA ILE B 80 -13.69 0.83 -18.33
C ILE B 80 -14.87 0.05 -18.89
N SER B 81 -14.74 -0.45 -20.11
CA SER B 81 -15.88 -1.07 -20.77
C SER B 81 -16.31 -2.33 -20.06
N ARG B 82 -15.36 -3.12 -19.55
CA ARG B 82 -15.66 -4.35 -18.83
C ARG B 82 -14.64 -4.52 -17.71
N VAL B 83 -15.10 -4.49 -16.47
CA VAL B 83 -14.21 -4.54 -15.33
C VAL B 83 -13.78 -5.97 -15.07
N GLU B 84 -12.49 -6.15 -14.81
CA GLU B 84 -11.90 -7.43 -14.44
C GLU B 84 -11.37 -7.36 -13.01
N ALA B 85 -10.99 -8.51 -12.48
CA ALA B 85 -10.46 -8.55 -11.11
C ALA B 85 -9.15 -7.80 -11.00
N GLU B 86 -8.32 -7.86 -12.04
CA GLU B 86 -7.03 -7.18 -12.02
C GLU B 86 -7.17 -5.66 -12.02
N ASP B 87 -8.37 -5.13 -12.24
CA ASP B 87 -8.58 -3.70 -12.30
C ASP B 87 -8.73 -3.06 -10.92
N VAL B 88 -8.75 -3.85 -9.85
CA VAL B 88 -8.95 -3.29 -8.51
C VAL B 88 -7.76 -2.42 -8.15
N GLY B 89 -8.03 -1.34 -7.43
CA GLY B 89 -7.00 -0.41 -7.02
C GLY B 89 -7.59 0.98 -6.85
N VAL B 90 -6.70 1.97 -6.80
CA VAL B 90 -7.07 3.37 -6.65
C VAL B 90 -6.69 4.09 -7.94
N TYR B 91 -7.66 4.76 -8.55
CA TYR B 91 -7.47 5.52 -9.78
C TYR B 91 -7.27 6.99 -9.46
N TYR B 92 -6.30 7.61 -10.13
CA TYR B 92 -5.94 8.99 -9.85
C TYR B 92 -5.95 9.84 -11.11
N CYS B 93 -6.50 11.05 -10.97
CA CYS B 93 -6.23 11.97 -12.07
C CYS B 93 -5.00 12.81 -11.69
N MET B 94 -4.41 13.37 -12.73
CA MET B 94 -3.23 14.21 -12.59
C MET B 94 -3.13 15.23 -13.72
N GLN B 95 -3.14 16.51 -13.34
CA GLN B 95 -2.96 17.60 -14.30
C GLN B 95 -1.52 18.07 -14.30
N THR B 96 -0.99 18.32 -15.50
CA THR B 96 0.37 18.80 -15.68
C THR B 96 0.40 20.10 -16.49
N LEU B 97 -0.71 20.85 -16.49
CA LEU B 97 -0.74 22.09 -17.25
C LEU B 97 0.09 23.18 -16.58
N GLN B 98 0.06 23.22 -15.25
CA GLN B 98 0.65 24.32 -14.50
C GLN B 98 1.14 23.82 -13.16
N THR B 99 2.38 24.17 -12.81
CA THR B 99 2.91 23.83 -11.51
C THR B 99 2.23 24.67 -10.43
N PRO B 100 2.02 24.11 -9.23
CA PRO B 100 2.35 22.72 -8.90
C PRO B 100 1.41 21.72 -9.58
N HIS B 101 1.98 20.67 -10.17
CA HIS B 101 1.16 19.58 -10.70
C HIS B 101 0.36 18.96 -9.54
N THR B 102 -0.89 18.60 -9.82
CA THR B 102 -1.81 18.21 -8.77
C THR B 102 -2.55 16.94 -9.16
N PHE B 103 -3.04 16.22 -8.14
CA PHE B 103 -3.70 14.94 -8.32
C PHE B 103 -5.12 15.00 -7.76
N GLY B 104 -6.01 14.23 -8.38
CA GLY B 104 -7.29 13.97 -7.77
C GLY B 104 -7.14 13.21 -6.45
N GLN B 105 -8.24 13.21 -5.68
CA GLN B 105 -8.21 12.55 -4.39
C GLN B 105 -8.13 11.03 -4.50
N GLY B 106 -8.48 10.48 -5.66
CA GLY B 106 -8.43 9.05 -5.87
C GLY B 106 -9.83 8.44 -5.84
N THR B 107 -9.99 7.38 -6.63
CA THR B 107 -11.22 6.61 -6.68
C THR B 107 -10.88 5.15 -6.42
N LYS B 108 -11.40 4.61 -5.33
CA LYS B 108 -11.18 3.20 -5.01
C LYS B 108 -12.22 2.36 -5.75
N LEU B 109 -11.75 1.56 -6.71
CA LEU B 109 -12.60 0.59 -7.38
C LEU B 109 -12.62 -0.71 -6.57
N GLU B 110 -13.82 -1.23 -6.34
CA GLU B 110 -14.01 -2.47 -5.59
C GLU B 110 -14.73 -3.47 -6.47
N ILE B 111 -14.17 -4.67 -6.60
CA ILE B 111 -14.76 -5.72 -7.40
C ILE B 111 -15.83 -6.41 -6.57
N LYS B 112 -17.07 -6.41 -7.06
CA LYS B 112 -18.18 -7.08 -6.37
C LYS B 112 -18.24 -8.54 -6.86
N ARG B 113 -17.31 -9.34 -6.34
CA ARG B 113 -17.33 -10.78 -6.64
C ARG B 113 -18.48 -11.45 -5.90
N THR B 114 -18.59 -12.76 -6.06
CA THR B 114 -19.61 -13.53 -5.36
C THR B 114 -19.25 -13.66 -3.88
N VAL B 115 -20.28 -13.76 -3.04
CA VAL B 115 -20.09 -13.81 -1.60
C VAL B 115 -19.21 -15.01 -1.25
N ALA B 116 -18.21 -14.77 -0.42
CA ALA B 116 -17.31 -15.81 0.06
C ALA B 116 -17.21 -15.71 1.57
N ALA B 117 -17.59 -16.78 2.27
CA ALA B 117 -17.46 -16.80 3.72
C ALA B 117 -15.99 -16.86 4.11
N PRO B 118 -15.62 -16.26 5.24
CA PRO B 118 -14.23 -16.36 5.69
C PRO B 118 -13.91 -17.74 6.24
N SER B 119 -12.66 -18.15 6.03
CA SER B 119 -12.07 -19.20 6.84
C SER B 119 -11.58 -18.56 8.12
N VAL B 120 -11.96 -19.12 9.27
CA VAL B 120 -11.68 -18.53 10.57
C VAL B 120 -10.65 -19.41 11.28
N PHE B 121 -9.54 -18.78 11.70
CA PHE B 121 -8.48 -19.43 12.43
C PHE B 121 -8.25 -18.65 13.72
N ILE B 122 -7.79 -19.34 14.76
CA ILE B 122 -7.45 -18.68 16.02
C ILE B 122 -6.10 -19.18 16.51
N PHE B 123 -5.36 -18.28 17.15
CA PHE B 123 -3.99 -18.55 17.59
C PHE B 123 -3.89 -18.22 19.08
N PRO B 124 -3.60 -19.19 19.94
CA PRO B 124 -3.33 -18.86 21.35
C PRO B 124 -2.04 -18.06 21.48
N PRO B 125 -1.80 -17.44 22.62
CA PRO B 125 -0.53 -16.73 22.81
C PRO B 125 0.64 -17.70 22.82
N SER B 126 1.80 -17.22 22.38
CA SER B 126 3.01 -18.00 22.46
C SER B 126 3.48 -18.11 23.91
N ASP B 127 4.22 -19.18 24.20
CA ASP B 127 4.79 -19.32 25.53
C ASP B 127 5.78 -18.19 25.81
N GLU B 128 6.56 -17.80 24.80
CA GLU B 128 7.54 -16.73 24.97
C GLU B 128 6.86 -15.45 25.44
N GLN B 129 5.72 -15.09 24.83
CA GLN B 129 5.04 -13.87 25.23
C GLN B 129 4.44 -14.02 26.63
N LEU B 130 3.85 -15.17 26.92
CA LEU B 130 3.20 -15.37 28.21
C LEU B 130 4.21 -15.27 29.35
N LYS B 131 5.41 -15.81 29.15
CA LYS B 131 6.45 -15.69 30.16
C LYS B 131 6.84 -14.23 30.40
N SER B 132 6.60 -13.36 29.44
CA SER B 132 6.90 -11.94 29.59
C SER B 132 5.75 -11.16 30.22
N GLY B 133 4.62 -11.81 30.47
CA GLY B 133 3.54 -11.18 31.21
C GLY B 133 2.37 -10.67 30.41
N THR B 134 2.28 -11.04 29.13
CA THR B 134 1.23 -10.53 28.26
C THR B 134 0.68 -11.69 27.43
N ALA B 135 -0.60 -11.59 27.08
CA ALA B 135 -1.26 -12.61 26.25
C ALA B 135 -1.93 -11.92 25.08
N SER B 136 -1.43 -12.18 23.87
CA SER B 136 -2.05 -11.74 22.63
C SER B 136 -2.72 -12.94 21.97
N VAL B 137 -4.02 -12.83 21.71
CA VAL B 137 -4.79 -13.87 21.03
C VAL B 137 -5.23 -13.31 19.68
N VAL B 138 -4.98 -14.06 18.62
CA VAL B 138 -5.21 -13.58 17.26
C VAL B 138 -6.30 -14.43 16.61
N CYS B 139 -7.33 -13.76 16.09
CA CYS B 139 -8.38 -14.38 15.27
C CYS B 139 -8.18 -13.92 13.83
N LEU B 140 -8.13 -14.87 12.90
CA LEU B 140 -7.88 -14.58 11.49
C LEU B 140 -9.10 -14.98 10.67
N LEU B 141 -9.60 -14.03 9.89
CA LEU B 141 -10.63 -14.27 8.89
C LEU B 141 -9.97 -14.16 7.53
N ASN B 142 -9.90 -15.26 6.79
CA ASN B 142 -9.08 -15.32 5.58
C ASN B 142 -9.95 -15.40 4.33
N ASN B 143 -9.66 -14.53 3.36
CA ASN B 143 -10.14 -14.63 1.98
C ASN B 143 -11.67 -14.64 1.93
N PHE B 144 -12.27 -13.51 2.33
CA PHE B 144 -13.71 -13.38 2.37
C PHE B 144 -14.17 -12.16 1.58
N TYR B 145 -15.47 -12.12 1.28
CA TYR B 145 -16.10 -11.00 0.60
C TYR B 145 -17.59 -11.08 0.82
N PRO B 146 -18.28 -9.96 1.11
CA PRO B 146 -17.77 -8.58 1.15
C PRO B 146 -16.98 -8.24 2.43
N ARG B 147 -16.46 -7.02 2.48
CA ARG B 147 -15.53 -6.65 3.54
C ARG B 147 -16.23 -6.59 4.90
N GLU B 148 -17.51 -6.25 4.93
CA GLU B 148 -18.21 -6.08 6.19
C GLU B 148 -18.26 -7.38 6.97
N ALA B 149 -17.77 -7.34 8.21
CA ALA B 149 -17.72 -8.51 9.07
C ALA B 149 -17.80 -8.03 10.52
N LYS B 150 -18.50 -8.80 11.34
CA LYS B 150 -18.58 -8.56 12.78
C LYS B 150 -17.75 -9.63 13.47
N VAL B 151 -16.76 -9.21 14.24
CA VAL B 151 -15.88 -10.10 14.99
C VAL B 151 -16.01 -9.73 16.45
N GLN B 152 -16.58 -10.63 17.24
CA GLN B 152 -16.75 -10.43 18.67
C GLN B 152 -15.89 -11.43 19.44
N TRP B 153 -15.31 -10.98 20.55
CA TRP B 153 -14.52 -11.82 21.41
C TRP B 153 -15.37 -12.23 22.62
N LYS B 154 -15.38 -13.52 22.92
CA LYS B 154 -16.09 -14.06 24.07
C LYS B 154 -15.10 -14.88 24.88
N VAL B 155 -15.01 -14.56 26.17
CA VAL B 155 -14.13 -15.25 27.11
C VAL B 155 -15.02 -15.90 28.16
N ASP B 156 -15.00 -17.24 28.19
CA ASP B 156 -15.93 -18.00 29.02
C ASP B 156 -17.36 -17.55 28.74
N ASN B 157 -17.64 -17.27 27.47
CA ASN B 157 -18.94 -16.89 26.92
C ASN B 157 -19.36 -15.48 27.29
N ALA B 158 -18.45 -14.66 27.83
CA ALA B 158 -18.72 -13.27 28.15
C ALA B 158 -18.21 -12.38 27.03
N LEU B 159 -19.12 -11.63 26.42
CA LEU B 159 -18.73 -10.72 25.34
C LEU B 159 -17.74 -9.69 25.85
N GLN B 160 -16.64 -9.53 25.14
CA GLN B 160 -15.60 -8.60 25.52
C GLN B 160 -15.81 -7.24 24.89
N SER B 161 -15.18 -6.23 25.47
CA SER B 161 -15.16 -4.89 24.92
C SER B 161 -13.94 -4.17 25.45
N GLY B 162 -13.25 -3.44 24.58
CA GLY B 162 -12.19 -2.54 24.98
C GLY B 162 -10.79 -3.11 24.95
N ASN B 163 -10.62 -4.37 24.55
CA ASN B 163 -9.30 -5.01 24.59
C ASN B 163 -8.90 -5.66 23.28
N SER B 164 -9.49 -5.25 22.16
CA SER B 164 -9.14 -5.83 20.88
C SER B 164 -9.02 -4.75 19.81
N GLN B 165 -8.26 -5.08 18.76
CA GLN B 165 -8.09 -4.21 17.62
C GLN B 165 -8.17 -5.02 16.34
N GLU B 166 -8.74 -4.43 15.29
CA GLU B 166 -8.88 -5.08 14.00
C GLU B 166 -8.00 -4.42 12.94
N SER B 167 -7.61 -5.22 11.95
CA SER B 167 -6.92 -4.70 10.76
C SER B 167 -7.35 -5.52 9.56
N VAL B 168 -7.67 -4.82 8.47
CA VAL B 168 -8.13 -5.46 7.25
C VAL B 168 -7.14 -5.16 6.12
N THR B 169 -7.05 -6.10 5.19
CA THR B 169 -6.18 -5.94 4.03
C THR B 169 -6.91 -5.20 2.91
N GLU B 170 -6.15 -4.81 1.90
CA GLU B 170 -6.74 -4.35 0.65
C GLU B 170 -7.34 -5.53 -0.11
N GLN B 171 -8.28 -5.23 -0.99
CA GLN B 171 -8.88 -6.27 -1.83
C GLN B 171 -7.83 -6.88 -2.74
N ASP B 172 -7.84 -8.21 -2.84
CA ASP B 172 -6.80 -8.93 -3.57
C ASP B 172 -6.98 -8.80 -5.07
N SER B 173 -5.87 -8.64 -5.79
CA SER B 173 -5.94 -8.32 -7.20
C SER B 173 -6.45 -9.49 -8.03
N LYS B 174 -6.27 -10.72 -7.56
CA LYS B 174 -6.64 -11.89 -8.36
C LYS B 174 -7.92 -12.56 -7.87
N ASP B 175 -8.05 -12.82 -6.57
CA ASP B 175 -9.25 -13.46 -6.05
C ASP B 175 -10.28 -12.47 -5.50
N SER B 176 -9.91 -11.19 -5.36
CA SER B 176 -10.84 -10.13 -5.00
C SER B 176 -11.41 -10.30 -3.61
N THR B 177 -10.66 -10.93 -2.72
CA THR B 177 -11.12 -11.14 -1.35
C THR B 177 -10.39 -10.22 -0.39
N TYR B 178 -10.89 -10.18 0.84
CA TYR B 178 -10.26 -9.51 1.96
C TYR B 178 -9.80 -10.56 2.98
N SER B 179 -8.85 -10.16 3.80
CA SER B 179 -8.50 -10.89 5.02
C SER B 179 -8.49 -9.89 6.16
N LEU B 180 -8.81 -10.37 7.35
CA LEU B 180 -8.93 -9.51 8.52
C LEU B 180 -8.36 -10.22 9.73
N SER B 181 -7.68 -9.46 10.58
CA SER B 181 -7.18 -9.95 11.85
C SER B 181 -7.89 -9.20 12.97
N SER B 182 -8.23 -9.93 14.03
CA SER B 182 -8.67 -9.33 15.29
C SER B 182 -7.77 -9.86 16.38
N THR B 183 -7.24 -8.97 17.21
CA THR B 183 -6.22 -9.33 18.20
C THR B 183 -6.69 -8.87 19.57
N LEU B 184 -6.82 -9.81 20.50
CA LEU B 184 -7.19 -9.54 21.88
C LEU B 184 -5.93 -9.57 22.73
N THR B 185 -5.75 -8.54 23.55
CA THR B 185 -4.55 -8.40 24.37
C THR B 185 -4.93 -8.27 25.84
N LEU B 186 -4.42 -9.17 26.65
CA LEU B 186 -4.64 -9.16 28.09
C LEU B 186 -3.31 -9.33 28.81
N SER B 187 -3.26 -8.83 30.05
CA SER B 187 -2.17 -9.22 30.94
C SER B 187 -2.22 -10.72 31.20
N LYS B 188 -1.06 -11.29 31.53
CA LYS B 188 -1.04 -12.71 31.88
C LYS B 188 -1.94 -12.98 33.07
N ALA B 189 -1.99 -12.06 34.04
CA ALA B 189 -2.81 -12.26 35.22
C ALA B 189 -4.28 -12.33 34.86
N ASP B 190 -4.76 -11.44 33.99
CA ASP B 190 -6.15 -11.50 33.55
C ASP B 190 -6.41 -12.73 32.68
N TYR B 191 -5.46 -13.04 31.79
CA TYR B 191 -5.61 -14.17 30.90
C TYR B 191 -5.87 -15.47 31.66
N GLU B 192 -5.10 -15.70 32.73
CA GLU B 192 -5.19 -16.98 33.42
C GLU B 192 -6.46 -17.11 34.27
N LYS B 193 -7.21 -16.04 34.46
CA LYS B 193 -8.46 -16.12 35.21
C LYS B 193 -9.60 -16.72 34.38
N HIS B 194 -9.33 -17.20 33.16
CA HIS B 194 -10.36 -17.68 32.28
C HIS B 194 -9.84 -18.88 31.49
N LYS B 195 -10.79 -19.66 30.97
CA LYS B 195 -10.49 -20.90 30.28
C LYS B 195 -10.76 -20.82 28.78
N VAL B 196 -11.98 -20.47 28.39
CA VAL B 196 -12.41 -20.56 27.00
C VAL B 196 -12.23 -19.20 26.33
N TYR B 197 -11.44 -19.17 25.26
CA TYR B 197 -11.21 -17.97 24.46
C TYR B 197 -11.74 -18.23 23.06
N ALA B 198 -12.65 -17.37 22.60
CA ALA B 198 -13.33 -17.59 21.34
C ALA B 198 -13.55 -16.27 20.61
N CYS B 199 -13.43 -16.32 19.29
CA CYS B 199 -13.86 -15.24 18.41
C CYS B 199 -15.07 -15.71 17.62
N GLU B 200 -16.13 -14.90 17.64
CA GLU B 200 -17.37 -15.21 16.93
C GLU B 200 -17.49 -14.30 15.73
N VAL B 201 -17.68 -14.87 14.55
CA VAL B 201 -17.68 -14.14 13.30
C VAL B 201 -19.08 -14.21 12.68
N THR B 202 -19.61 -13.05 12.32
CA THR B 202 -20.86 -12.94 11.57
C THR B 202 -20.53 -12.35 10.20
N HIS B 203 -21.06 -12.96 9.16
CA HIS B 203 -20.71 -12.56 7.80
C HIS B 203 -21.81 -13.00 6.84
N GLN B 204 -22.01 -12.20 5.79
CA GLN B 204 -23.09 -12.47 4.85
C GLN B 204 -22.99 -13.87 4.26
N GLY B 205 -21.79 -14.43 4.17
CA GLY B 205 -21.59 -15.75 3.62
C GLY B 205 -21.78 -16.88 4.60
N LEU B 206 -22.18 -16.56 5.84
CA LEU B 206 -22.38 -17.57 6.88
C LEU B 206 -23.85 -17.56 7.28
N SER B 207 -24.53 -18.68 7.10
CA SER B 207 -25.93 -18.77 7.50
C SER B 207 -26.11 -18.53 8.98
N SER B 208 -25.09 -18.86 9.78
CA SER B 208 -25.10 -18.64 11.22
C SER B 208 -23.70 -18.25 11.66
N PRO B 209 -23.57 -17.41 12.68
CA PRO B 209 -22.24 -17.00 13.13
C PRO B 209 -21.35 -18.20 13.43
N VAL B 210 -20.07 -18.08 13.09
CA VAL B 210 -19.07 -19.12 13.35
C VAL B 210 -18.30 -18.75 14.60
N THR B 211 -18.09 -19.73 15.47
CA THR B 211 -17.27 -19.56 16.67
C THR B 211 -16.08 -20.50 16.59
N LYS B 212 -14.88 -19.94 16.65
CA LYS B 212 -13.65 -20.71 16.80
C LYS B 212 -13.08 -20.40 18.19
N SER B 213 -12.68 -21.43 18.90
CA SER B 213 -12.28 -21.26 20.29
C SER B 213 -11.23 -22.28 20.69
N PHE B 214 -10.53 -21.97 21.79
CA PHE B 214 -9.60 -22.90 22.40
C PHE B 214 -9.72 -22.78 23.91
N ASN B 215 -9.26 -23.83 24.61
CA ASN B 215 -9.17 -23.83 26.06
C ASN B 215 -7.75 -23.44 26.45
N ARG B 216 -7.64 -22.45 27.34
CA ARG B 216 -6.32 -22.00 27.78
C ARG B 216 -5.43 -23.18 28.16
N GLY B 217 -4.27 -23.25 27.52
CA GLY B 217 -3.32 -24.30 27.84
C GLY B 217 -3.79 -25.69 27.48
N GLU B 218 -4.43 -25.84 26.34
CA GLU B 218 -4.87 -27.14 25.87
C GLU B 218 -3.98 -27.63 24.73
N ASN C 1 -1.50 30.99 -20.80
CA ASN C 1 0.00 31.04 -20.76
C ASN C 1 0.59 30.20 -19.63
N PRO C 2 0.17 28.94 -19.52
CA PRO C 2 0.70 28.08 -18.46
C PRO C 2 2.13 27.64 -18.78
N ASN C 3 2.81 27.15 -17.75
CA ASN C 3 4.19 26.69 -17.91
C ASN C 3 4.27 25.21 -18.30
N ALA C 4 3.21 24.68 -18.92
CA ALA C 4 3.22 23.31 -19.39
C ALA C 4 4.37 23.07 -20.38
N ASN C 5 4.81 21.83 -20.46
CA ASN C 5 5.81 21.43 -21.43
C ASN C 5 5.19 21.41 -22.82
N PRO C 6 5.53 22.34 -23.72
CA PRO C 6 4.91 22.33 -25.06
C PRO C 6 5.25 21.09 -25.87
N ASN C 7 6.21 20.28 -25.43
CA ASN C 7 6.66 19.10 -26.18
C ASN C 7 6.36 17.81 -25.42
N ALA C 8 5.30 17.82 -24.60
CA ALA C 8 4.99 16.65 -23.78
C ALA C 8 4.47 15.48 -24.60
N ASN C 9 3.91 15.72 -25.80
CA ASN C 9 3.24 14.67 -26.55
C ASN C 9 4.23 13.90 -27.40
N PRO C 10 4.30 12.57 -27.27
CA PRO C 10 5.24 11.80 -28.10
C PRO C 10 4.79 11.60 -29.54
N ASN C 11 3.52 11.84 -29.84
CA ASN C 11 2.99 11.63 -31.19
C ASN C 11 3.06 12.90 -32.01
#